data_1E6B
#
_entry.id   1E6B
#
_cell.length_a   75.164
_cell.length_b   75.164
_cell.length_c   140.520
_cell.angle_alpha   90.00
_cell.angle_beta   90.00
_cell.angle_gamma   120.00
#
_symmetry.space_group_name_H-M   'P 65 2 2'
#
loop_
_entity.id
_entity.type
_entity.pdbx_description
1 polymer 'GLUTATHIONE S-TRANSFERASE'
2 non-polymer BETA-MERCAPTOETHANOL
3 water water
#
_entity_poly.entity_id   1
_entity_poly.type   'polypeptide(L)'
_entity_poly.pdbx_seq_one_letter_code
;MANSGEEKLKLYSYWRSSCAHRVRIALALKGLDYEYIPVNLLKGDQFDSDFKKINPMGTVPALVDGDVVINDSFAIIMYL
DEKYPEPPLLPRDLHKRAVNYQAMSIVLSGIQPHQNLAVIRYIEEKINVEEKTAWVNNAITKGFTALEKLLVNCAGKHAT
GDEIYLADLFLAPQIHGAINRFQINMEPYPTLAKCYESYNELPAFQNALPEKQPDAPSSTI
;
_entity_poly.pdbx_strand_id   A
#
loop_
_chem_comp.id
_chem_comp.type
_chem_comp.name
_chem_comp.formula
BME non-polymer BETA-MERCAPTOETHANOL 'C2 H6 O S'
#
# COMPACT_ATOMS: atom_id res chain seq x y z
N LYS A 8 11.21 -19.19 -2.03
CA LYS A 8 9.73 -19.18 -2.23
C LYS A 8 8.99 -18.31 -1.21
N LEU A 9 8.87 -17.04 -1.51
CA LEU A 9 8.16 -16.12 -0.64
C LEU A 9 6.69 -16.47 -0.50
N LYS A 10 6.14 -16.17 0.67
CA LYS A 10 4.75 -16.34 0.99
C LYS A 10 4.22 -14.98 1.51
N LEU A 11 3.02 -14.65 1.12
CA LEU A 11 2.41 -13.40 1.65
C LEU A 11 1.03 -13.74 2.23
N TYR A 12 0.87 -13.48 3.54
CA TYR A 12 -0.41 -13.63 4.20
C TYR A 12 -1.12 -12.30 3.91
N SER A 13 -2.24 -12.40 3.23
CA SER A 13 -2.90 -11.22 2.75
C SER A 13 -4.42 -11.34 2.90
N TYR A 14 -5.07 -10.20 2.91
CA TYR A 14 -6.52 -10.12 2.90
C TYR A 14 -6.87 -9.19 1.74
N TRP A 15 -7.81 -9.57 0.86
CA TRP A 15 -8.06 -8.76 -0.32
C TRP A 15 -8.39 -7.30 -0.06
N ARG A 16 -9.14 -6.98 0.97
CA ARG A 16 -9.54 -5.61 1.24
C ARG A 16 -8.57 -4.86 2.16
N SER A 17 -7.51 -5.50 2.61
CA SER A 17 -6.62 -4.75 3.54
C SER A 17 -5.78 -3.74 2.78
N SER A 18 -5.87 -2.45 3.07
CA SER A 18 -5.03 -1.50 2.37
C SER A 18 -3.57 -1.77 2.70
N CYS A 19 -3.22 -2.25 3.91
CA CYS A 19 -1.80 -2.46 4.21
C CYS A 19 -1.25 -3.58 3.32
N ALA A 20 -2.06 -4.63 3.14
CA ALA A 20 -1.61 -5.73 2.30
C ALA A 20 -1.56 -5.26 0.83
N HIS A 21 -2.45 -4.37 0.44
CA HIS A 21 -2.47 -3.81 -0.92
C HIS A 21 -1.11 -3.14 -1.18
N ARG A 22 -0.59 -2.32 -0.22
CA ARG A 22 0.70 -1.67 -0.44
C ARG A 22 1.81 -2.69 -0.80
N VAL A 23 1.88 -3.75 0.01
CA VAL A 23 2.90 -4.79 -0.17
C VAL A 23 2.71 -5.48 -1.52
N ARG A 24 1.46 -5.78 -1.90
CA ARG A 24 1.29 -6.43 -3.23
C ARG A 24 1.85 -5.61 -4.38
N ILE A 25 1.76 -4.29 -4.28
CA ILE A 25 2.30 -3.44 -5.34
C ILE A 25 3.81 -3.64 -5.34
N ALA A 26 4.42 -3.60 -4.14
CA ALA A 26 5.89 -3.71 -4.11
C ALA A 26 6.36 -5.03 -4.77
N LEU A 27 5.71 -6.14 -4.40
CA LEU A 27 6.09 -7.44 -4.95
C LEU A 27 5.95 -7.43 -6.48
N ALA A 28 4.87 -6.88 -7.02
CA ALA A 28 4.64 -6.80 -8.44
C ALA A 28 5.68 -5.92 -9.10
N LEU A 29 6.03 -4.76 -8.54
CA LEU A 29 7.08 -3.90 -9.12
C LEU A 29 8.46 -4.55 -9.06
N LYS A 30 8.72 -5.42 -8.10
CA LYS A 30 10.03 -6.06 -8.00
C LYS A 30 10.07 -7.31 -8.90
N GLY A 31 8.95 -7.67 -9.46
CA GLY A 31 8.86 -8.88 -10.36
C GLY A 31 9.02 -10.14 -9.52
N LEU A 32 8.57 -10.10 -8.24
CA LEU A 32 8.76 -11.25 -7.38
C LEU A 32 7.54 -12.17 -7.24
N ASP A 33 7.72 -13.47 -7.55
CA ASP A 33 6.66 -14.45 -7.41
C ASP A 33 6.46 -14.82 -5.95
N TYR A 34 5.24 -15.18 -5.60
CA TYR A 34 4.96 -15.57 -4.22
C TYR A 34 3.63 -16.33 -4.14
N GLU A 35 3.53 -17.04 -3.01
CA GLU A 35 2.33 -17.78 -2.66
C GLU A 35 1.40 -16.85 -1.86
N TYR A 36 0.22 -16.58 -2.40
CA TYR A 36 -0.77 -15.74 -1.73
C TYR A 36 -1.54 -16.62 -0.75
N ILE A 37 -1.45 -16.32 0.54
CA ILE A 37 -2.18 -17.08 1.55
C ILE A 37 -3.23 -16.16 2.16
N PRO A 38 -4.49 -16.38 1.83
CA PRO A 38 -5.60 -15.59 2.29
C PRO A 38 -5.81 -15.71 3.80
N VAL A 39 -6.10 -14.57 4.41
CA VAL A 39 -6.41 -14.47 5.83
C VAL A 39 -7.64 -13.58 5.94
N ASN A 40 -8.83 -14.21 6.13
CA ASN A 40 -10.06 -13.41 6.18
C ASN A 40 -10.16 -12.61 7.47
N LEU A 41 -9.84 -11.32 7.44
CA LEU A 41 -9.88 -10.50 8.64
C LEU A 41 -11.30 -10.28 9.16
N LEU A 42 -12.33 -10.20 8.32
CA LEU A 42 -13.69 -10.06 8.86
C LEU A 42 -14.07 -11.28 9.68
N LYS A 43 -13.79 -12.48 9.19
CA LYS A 43 -14.12 -13.73 9.83
C LYS A 43 -13.23 -14.09 11.02
N GLY A 44 -12.23 -13.28 11.32
CA GLY A 44 -11.31 -13.54 12.40
C GLY A 44 -10.34 -14.68 12.21
N ASP A 45 -9.86 -14.95 10.99
CA ASP A 45 -8.87 -15.98 10.75
C ASP A 45 -7.49 -15.62 11.28
N GLN A 46 -7.23 -14.35 11.56
CA GLN A 46 -5.94 -13.93 12.12
C GLN A 46 -5.75 -14.31 13.57
N PHE A 47 -6.80 -14.80 14.25
CA PHE A 47 -6.69 -15.22 15.65
C PHE A 47 -6.64 -16.74 15.77
N ASP A 48 -6.55 -17.40 14.64
CA ASP A 48 -6.38 -18.86 14.59
C ASP A 48 -5.04 -19.26 15.20
N SER A 49 -4.99 -20.28 16.05
CA SER A 49 -3.74 -20.68 16.67
C SER A 49 -2.68 -21.23 15.74
N ASP A 50 -3.01 -21.86 14.62
CA ASP A 50 -1.94 -22.38 13.75
C ASP A 50 -1.24 -21.26 12.99
N PHE A 51 -2.05 -20.29 12.55
CA PHE A 51 -1.55 -19.10 11.88
C PHE A 51 -0.63 -18.33 12.82
N LYS A 52 -1.00 -18.24 14.09
CA LYS A 52 -0.26 -17.65 15.17
C LYS A 52 1.08 -18.33 15.40
N LYS A 53 1.13 -19.63 15.10
CA LYS A 53 2.37 -20.39 15.19
C LYS A 53 3.37 -19.92 14.13
N ILE A 54 2.86 -19.68 12.92
CA ILE A 54 3.70 -19.25 11.82
C ILE A 54 3.98 -17.74 11.90
N ASN A 55 3.02 -16.99 12.33
CA ASN A 55 3.04 -15.53 12.44
C ASN A 55 2.70 -15.08 13.85
N PRO A 56 3.62 -15.26 14.79
CA PRO A 56 3.43 -14.95 16.19
C PRO A 56 3.03 -13.51 16.42
N MET A 57 3.52 -12.57 15.57
CA MET A 57 3.07 -11.21 15.73
C MET A 57 1.58 -11.14 15.42
N GLY A 58 1.03 -12.06 14.59
CA GLY A 58 -0.38 -12.10 14.36
C GLY A 58 -1.01 -11.11 13.41
N THR A 59 -0.19 -10.28 12.76
CA THR A 59 -0.77 -9.24 11.91
C THR A 59 -0.68 -9.62 10.44
N VAL A 60 -1.53 -8.97 9.67
CA VAL A 60 -1.58 -9.10 8.19
C VAL A 60 -1.46 -7.71 7.60
N PRO A 61 -0.58 -7.46 6.62
CA PRO A 61 0.17 -8.46 5.94
C PRO A 61 1.36 -9.01 6.67
N ALA A 62 1.78 -10.22 6.26
CA ALA A 62 2.96 -10.86 6.83
C ALA A 62 3.69 -11.54 5.68
N LEU A 63 4.98 -11.27 5.55
CA LEU A 63 5.78 -11.88 4.48
C LEU A 63 6.66 -12.96 5.09
N VAL A 64 6.58 -14.17 4.58
CA VAL A 64 7.46 -15.25 4.99
C VAL A 64 8.50 -15.50 3.91
N ASP A 65 9.76 -15.36 4.33
CA ASP A 65 10.89 -15.53 3.43
C ASP A 65 11.79 -16.63 4.03
N GLY A 66 11.42 -17.88 3.83
CA GLY A 66 12.02 -19.01 4.55
C GLY A 66 11.62 -19.04 6.00
N ASP A 67 12.62 -18.92 6.86
CA ASP A 67 12.53 -18.84 8.31
C ASP A 67 12.15 -17.45 8.81
N VAL A 68 12.32 -16.46 7.94
CA VAL A 68 12.06 -15.08 8.30
C VAL A 68 10.63 -14.64 8.00
N VAL A 69 10.00 -14.10 9.06
CA VAL A 69 8.67 -13.59 9.00
C VAL A 69 8.73 -12.10 9.27
N ILE A 70 8.25 -11.31 8.35
CA ILE A 70 8.26 -9.86 8.50
C ILE A 70 6.83 -9.37 8.56
N ASN A 71 6.48 -8.58 9.56
CA ASN A 71 5.20 -7.95 9.67
C ASN A 71 5.41 -6.44 9.46
N ASP A 72 4.29 -5.75 9.32
CA ASP A 72 4.24 -4.32 9.05
C ASP A 72 4.49 -4.02 7.57
N SER A 73 3.51 -3.34 6.95
CA SER A 73 3.60 -3.01 5.55
C SER A 73 4.86 -2.21 5.20
N PHE A 74 5.27 -1.26 6.01
CA PHE A 74 6.43 -0.45 5.72
C PHE A 74 7.69 -1.29 5.89
N ALA A 75 7.79 -2.06 6.98
CA ALA A 75 8.98 -2.88 7.18
C ALA A 75 9.05 -3.92 6.05
N ILE A 76 7.93 -4.53 5.64
CA ILE A 76 8.03 -5.52 4.56
C ILE A 76 8.55 -4.90 3.26
N ILE A 77 8.01 -3.72 2.94
CA ILE A 77 8.39 -3.04 1.71
C ILE A 77 9.88 -2.67 1.76
N MET A 78 10.39 -2.19 2.90
CA MET A 78 11.82 -1.84 3.01
C MET A 78 12.66 -3.09 2.92
N TYR A 79 12.19 -4.19 3.54
CA TYR A 79 12.97 -5.43 3.41
C TYR A 79 13.02 -5.84 1.94
N LEU A 80 11.88 -5.80 1.24
CA LEU A 80 11.95 -6.14 -0.18
C LEU A 80 12.87 -5.22 -0.99
N ASP A 81 12.82 -3.92 -0.73
CA ASP A 81 13.65 -2.99 -1.48
C ASP A 81 15.12 -3.21 -1.17
N GLU A 82 15.40 -3.55 0.08
CA GLU A 82 16.83 -3.79 0.41
C GLU A 82 17.33 -5.15 -0.05
N LYS A 83 16.48 -6.17 -0.11
CA LYS A 83 16.96 -7.49 -0.50
C LYS A 83 16.98 -7.60 -2.02
N TYR A 84 16.05 -6.97 -2.69
CA TYR A 84 15.88 -7.02 -4.14
C TYR A 84 15.80 -5.56 -4.62
N PRO A 85 16.97 -4.94 -4.78
CA PRO A 85 17.05 -3.53 -5.05
C PRO A 85 16.45 -3.01 -6.34
N GLU A 86 16.32 -3.81 -7.38
CA GLU A 86 15.78 -3.27 -8.65
C GLU A 86 14.30 -3.40 -8.77
N PRO A 87 13.66 -2.57 -9.57
CA PRO A 87 13.74 -1.14 -9.58
C PRO A 87 13.70 -0.56 -8.16
N PRO A 88 14.46 0.47 -7.93
CA PRO A 88 14.56 1.08 -6.61
C PRO A 88 13.22 1.71 -6.18
N LEU A 89 12.78 1.49 -4.93
CA LEU A 89 11.59 2.18 -4.45
C LEU A 89 11.94 3.50 -3.80
N LEU A 90 13.23 3.91 -3.76
CA LEU A 90 13.50 5.26 -3.24
C LEU A 90 14.42 5.97 -4.22
N PRO A 91 14.24 7.25 -4.42
CA PRO A 91 15.10 7.97 -5.37
C PRO A 91 16.47 8.17 -4.75
N ARG A 92 17.37 8.71 -5.58
CA ARG A 92 18.71 9.05 -5.13
C ARG A 92 18.81 10.33 -4.32
N ASP A 93 18.04 11.35 -4.67
CA ASP A 93 18.07 12.66 -4.03
C ASP A 93 17.62 12.57 -2.57
N LEU A 94 18.50 13.00 -1.64
CA LEU A 94 18.17 12.87 -0.21
C LEU A 94 16.89 13.60 0.17
N HIS A 95 16.67 14.80 -0.38
CA HIS A 95 15.44 15.51 -0.10
C HIS A 95 14.24 14.74 -0.64
N LYS A 96 14.24 14.27 -1.87
CA LYS A 96 13.10 13.50 -2.39
C LYS A 96 12.85 12.22 -1.60
N ARG A 97 13.92 11.60 -1.13
CA ARG A 97 13.78 10.44 -0.22
C ARG A 97 13.06 10.88 1.07
N ALA A 98 13.45 12.05 1.61
CA ALA A 98 12.74 12.50 2.81
C ALA A 98 11.25 12.73 2.51
N VAL A 99 10.92 13.34 1.38
CA VAL A 99 9.48 13.50 1.07
C VAL A 99 8.75 12.17 1.01
N ASN A 100 9.44 11.17 0.41
CA ASN A 100 8.78 9.85 0.33
C ASN A 100 8.52 9.31 1.74
N TYR A 101 9.51 9.43 2.64
CA TYR A 101 9.28 8.92 4.00
C TYR A 101 8.17 9.69 4.74
N GLN A 102 8.08 10.99 4.46
CA GLN A 102 7.05 11.83 5.10
C GLN A 102 5.66 11.45 4.59
N ALA A 103 5.55 11.19 3.28
CA ALA A 103 4.29 10.80 2.67
C ALA A 103 3.87 9.46 3.27
N MET A 104 4.81 8.50 3.40
CA MET A 104 4.60 7.22 4.00
C MET A 104 4.06 7.38 5.43
N SER A 105 4.75 8.24 6.21
CA SER A 105 4.33 8.40 7.60
C SER A 105 2.96 9.07 7.72
N ILE A 106 2.57 10.01 6.88
CA ILE A 106 1.22 10.60 7.02
C ILE A 106 0.17 9.50 6.82
N VAL A 107 0.42 8.66 5.79
CA VAL A 107 -0.55 7.57 5.59
C VAL A 107 -0.48 6.56 6.71
N LEU A 108 0.69 6.05 7.05
CA LEU A 108 0.87 5.00 8.02
C LEU A 108 0.35 5.32 9.41
N SER A 109 0.69 6.51 9.90
CA SER A 109 0.41 6.91 11.25
C SER A 109 -0.47 8.14 11.36
N GLY A 110 -0.64 8.87 10.26
CA GLY A 110 -1.50 10.04 10.26
C GLY A 110 -2.94 9.55 10.05
N ILE A 111 -3.26 8.98 8.90
CA ILE A 111 -4.61 8.59 8.54
C ILE A 111 -5.15 7.22 8.92
N GLN A 112 -4.43 6.18 8.53
CA GLN A 112 -4.81 4.79 8.73
C GLN A 112 -5.62 4.48 9.98
N PRO A 113 -5.04 4.68 11.15
CA PRO A 113 -5.72 4.42 12.40
C PRO A 113 -6.88 5.39 12.63
N THR A 133 -29.08 8.94 6.16
CA THR A 133 -27.88 9.58 6.72
C THR A 133 -26.62 9.12 5.98
N ALA A 134 -25.53 9.87 6.10
CA ALA A 134 -24.27 9.53 5.45
C ALA A 134 -23.13 9.87 6.41
N TRP A 135 -22.08 9.08 6.37
CA TRP A 135 -20.91 9.28 7.21
C TRP A 135 -19.96 10.26 6.55
N VAL A 136 -19.49 11.26 7.29
CA VAL A 136 -18.56 12.19 6.67
C VAL A 136 -17.20 11.92 7.29
N ASN A 137 -16.20 11.57 6.50
CA ASN A 137 -14.88 11.25 6.98
C ASN A 137 -13.92 12.42 6.76
N ASN A 138 -13.81 13.23 7.82
CA ASN A 138 -12.88 14.35 7.76
C ASN A 138 -11.50 14.02 8.29
N ALA A 139 -11.29 12.85 8.92
CA ALA A 139 -9.92 12.40 9.18
C ALA A 139 -9.21 12.29 7.85
N ILE A 140 -9.84 11.73 6.81
CA ILE A 140 -9.23 11.69 5.49
C ILE A 140 -8.95 13.08 4.95
N THR A 141 -9.89 14.01 5.10
CA THR A 141 -9.74 15.41 4.67
C THR A 141 -8.40 15.95 5.19
N LYS A 142 -8.23 15.78 6.50
CA LYS A 142 -7.03 16.24 7.19
C LYS A 142 -5.77 15.65 6.60
N GLY A 143 -5.68 14.34 6.48
CA GLY A 143 -4.49 13.71 5.94
C GLY A 143 -4.24 13.98 4.48
N PHE A 144 -5.34 13.96 3.68
CA PHE A 144 -5.15 14.29 2.27
C PHE A 144 -4.71 15.71 2.08
N THR A 145 -5.17 16.65 2.95
CA THR A 145 -4.75 18.04 2.83
C THR A 145 -3.25 18.08 3.06
N ALA A 146 -2.75 17.36 4.07
CA ALA A 146 -1.29 17.38 4.34
C ALA A 146 -0.54 16.75 3.17
N LEU A 147 -1.05 15.58 2.69
CA LEU A 147 -0.30 15.00 1.55
C LEU A 147 -0.24 15.91 0.34
N GLU A 148 -1.32 16.62 0.04
CA GLU A 148 -1.36 17.56 -1.07
C GLU A 148 -0.36 18.68 -0.85
N LYS A 149 -0.33 19.25 0.36
CA LYS A 149 0.61 20.24 0.76
C LYS A 149 2.05 19.76 0.53
N LEU A 150 2.32 18.52 0.94
CA LEU A 150 3.65 17.97 0.82
C LEU A 150 4.09 17.71 -0.62
N LEU A 151 3.19 17.16 -1.43
CA LEU A 151 3.60 16.70 -2.77
C LEU A 151 3.43 17.66 -3.93
N VAL A 152 2.68 18.76 -3.75
CA VAL A 152 2.38 19.68 -4.83
C VAL A 152 3.61 20.31 -5.42
N ASN A 153 4.71 20.39 -4.68
CA ASN A 153 5.91 21.02 -5.24
C ASN A 153 6.88 20.00 -5.80
N CYS A 154 6.47 18.75 -5.96
CA CYS A 154 7.31 17.74 -6.58
C CYS A 154 6.91 17.56 -8.06
N ALA A 155 7.70 18.09 -8.98
CA ALA A 155 7.31 18.00 -10.40
C ALA A 155 7.37 16.55 -10.83
N GLY A 156 6.45 16.08 -11.69
CA GLY A 156 6.51 14.71 -12.14
C GLY A 156 5.16 14.03 -12.30
N LYS A 157 5.19 12.88 -12.95
CA LYS A 157 4.02 12.07 -13.24
C LYS A 157 3.38 11.46 -12.00
N HIS A 158 4.25 11.13 -11.05
CA HIS A 158 3.80 10.40 -9.84
C HIS A 158 4.07 11.22 -8.60
N ALA A 159 4.09 10.63 -7.42
CA ALA A 159 4.23 11.46 -6.21
C ALA A 159 5.49 12.29 -6.14
N THR A 160 6.66 11.76 -6.46
CA THR A 160 7.92 12.52 -6.38
C THR A 160 8.78 12.30 -7.62
N GLY A 161 8.26 12.67 -8.78
CA GLY A 161 9.04 12.52 -10.01
C GLY A 161 8.34 11.61 -11.00
N ASP A 162 9.15 11.25 -12.01
CA ASP A 162 8.59 10.45 -13.10
C ASP A 162 8.75 8.94 -12.93
N GLU A 163 9.32 8.45 -11.83
CA GLU A 163 9.33 7.05 -11.52
C GLU A 163 8.49 6.80 -10.26
N ILE A 164 8.10 5.53 -10.08
CA ILE A 164 7.32 5.12 -8.93
C ILE A 164 8.21 4.88 -7.74
N TYR A 165 7.88 5.46 -6.60
CA TYR A 165 8.65 5.29 -5.38
C TYR A 165 7.72 4.93 -4.22
N LEU A 166 8.35 4.83 -3.03
CA LEU A 166 7.64 4.44 -1.79
C LEU A 166 6.33 5.21 -1.57
N ALA A 167 6.33 6.54 -1.72
CA ALA A 167 5.10 7.32 -1.50
C ALA A 167 3.90 6.82 -2.32
N ASP A 168 4.19 6.46 -3.59
CA ASP A 168 3.15 5.96 -4.48
C ASP A 168 2.51 4.67 -3.99
N LEU A 169 3.34 3.78 -3.37
CA LEU A 169 2.81 2.52 -2.83
C LEU A 169 1.91 2.76 -1.61
N PHE A 170 2.15 3.84 -0.91
CA PHE A 170 1.32 4.25 0.21
C PHE A 170 0.10 5.03 -0.26
N LEU A 171 0.27 5.91 -1.26
CA LEU A 171 -0.90 6.65 -1.75
C LEU A 171 -1.94 5.81 -2.47
N ALA A 172 -1.50 4.89 -3.39
CA ALA A 172 -2.54 4.16 -4.12
C ALA A 172 -3.59 3.47 -3.27
N PRO A 173 -3.25 2.66 -2.28
CA PRO A 173 -4.23 1.93 -1.48
C PRO A 173 -5.09 2.87 -0.65
N GLN A 174 -4.48 3.95 -0.16
CA GLN A 174 -5.19 4.94 0.65
C GLN A 174 -6.24 5.66 -0.16
N ILE A 175 -5.91 6.07 -1.38
CA ILE A 175 -6.86 6.76 -2.26
C ILE A 175 -7.93 5.77 -2.75
N HIS A 176 -7.54 4.54 -3.00
CA HIS A 176 -8.53 3.55 -3.50
C HIS A 176 -9.58 3.33 -2.42
N GLY A 177 -9.09 3.24 -1.18
CA GLY A 177 -9.97 3.01 -0.04
C GLY A 177 -10.85 4.24 0.19
N ALA A 178 -10.31 5.46 0.09
CA ALA A 178 -11.08 6.68 0.30
C ALA A 178 -12.26 6.75 -0.69
N ILE A 179 -11.93 6.52 -1.97
CA ILE A 179 -12.91 6.57 -3.03
C ILE A 179 -13.91 5.44 -2.90
N ASN A 180 -13.47 4.22 -2.75
CA ASN A 180 -14.37 3.07 -2.71
C ASN A 180 -15.09 2.82 -1.41
N ARG A 181 -14.58 3.20 -0.25
CA ARG A 181 -15.29 2.98 0.99
C ARG A 181 -15.92 4.25 1.56
N PHE A 182 -15.38 5.41 1.24
CA PHE A 182 -15.93 6.64 1.81
C PHE A 182 -16.45 7.62 0.78
N GLN A 183 -16.43 7.25 -0.48
CA GLN A 183 -16.91 8.11 -1.54
C GLN A 183 -16.30 9.51 -1.45
N ILE A 184 -15.01 9.59 -1.20
CA ILE A 184 -14.33 10.88 -1.13
C ILE A 184 -14.11 11.41 -2.52
N ASN A 185 -14.47 12.67 -2.71
CA ASN A 185 -14.27 13.45 -3.90
C ASN A 185 -12.81 13.93 -3.87
N MET A 186 -12.09 13.59 -4.95
CA MET A 186 -10.67 13.91 -5.06
C MET A 186 -10.38 15.23 -5.73
N GLU A 187 -11.41 16.02 -6.15
CA GLU A 187 -11.05 17.29 -6.81
C GLU A 187 -10.34 18.30 -5.96
N PRO A 188 -10.53 18.33 -4.65
CA PRO A 188 -9.76 19.29 -3.86
C PRO A 188 -8.28 19.01 -3.77
N TYR A 189 -7.79 17.84 -4.20
CA TYR A 189 -6.39 17.43 -4.09
C TYR A 189 -5.83 17.08 -5.46
N PRO A 190 -5.59 18.09 -6.28
CA PRO A 190 -5.20 17.87 -7.67
C PRO A 190 -3.93 17.05 -7.82
N THR A 191 -2.94 17.29 -6.94
CA THR A 191 -1.70 16.51 -7.00
C THR A 191 -2.01 15.06 -6.70
N LEU A 192 -2.86 14.82 -5.67
CA LEU A 192 -3.16 13.43 -5.35
C LEU A 192 -3.95 12.76 -6.49
N ALA A 193 -4.86 13.56 -7.07
CA ALA A 193 -5.69 13.03 -8.17
C ALA A 193 -4.80 12.67 -9.35
N LYS A 194 -3.81 13.53 -9.65
CA LYS A 194 -2.85 13.25 -10.71
C LYS A 194 -2.15 11.91 -10.42
N CYS A 195 -1.63 11.82 -9.21
CA CYS A 195 -0.97 10.58 -8.79
C CYS A 195 -1.80 9.34 -9.02
N TYR A 196 -3.04 9.38 -8.52
CA TYR A 196 -3.91 8.22 -8.62
C TYR A 196 -4.30 7.88 -10.07
N GLU A 197 -4.50 8.91 -10.89
CA GLU A 197 -4.79 8.65 -12.30
C GLU A 197 -3.58 8.04 -12.97
N SER A 198 -2.37 8.46 -12.59
CA SER A 198 -1.11 7.96 -13.10
C SER A 198 -0.92 6.46 -12.79
N TYR A 199 -1.64 5.85 -11.82
CA TYR A 199 -1.45 4.44 -11.55
C TYR A 199 -2.35 3.52 -12.38
N ASN A 200 -3.35 4.07 -13.05
CA ASN A 200 -4.34 3.28 -13.75
C ASN A 200 -3.70 2.47 -14.86
N GLU A 201 -2.70 2.97 -15.56
CA GLU A 201 -2.09 2.17 -16.62
C GLU A 201 -0.93 1.29 -16.20
N LEU A 202 -0.50 1.26 -14.96
CA LEU A 202 0.67 0.51 -14.54
C LEU A 202 0.26 -0.86 -14.07
N PRO A 203 0.71 -1.91 -14.78
CA PRO A 203 0.31 -3.25 -14.44
C PRO A 203 0.56 -3.61 -13.01
N ALA A 204 1.69 -3.22 -12.42
CA ALA A 204 1.96 -3.63 -11.02
C ALA A 204 0.83 -3.15 -10.10
N PHE A 205 0.36 -1.94 -10.32
CA PHE A 205 -0.72 -1.33 -9.58
C PHE A 205 -2.08 -1.98 -9.88
N GLN A 206 -2.34 -2.25 -11.16
CA GLN A 206 -3.63 -2.86 -11.50
C GLN A 206 -3.77 -4.25 -10.89
N ASN A 207 -2.72 -5.05 -10.99
CA ASN A 207 -2.68 -6.40 -10.50
C ASN A 207 -2.88 -6.47 -8.98
N ALA A 208 -2.37 -5.46 -8.26
CA ALA A 208 -2.40 -5.52 -6.80
C ALA A 208 -3.75 -5.05 -6.25
N LEU A 209 -4.67 -4.54 -7.02
CA LEU A 209 -5.97 -4.06 -6.54
C LEU A 209 -6.71 -5.14 -5.77
N PRO A 210 -7.44 -4.70 -4.73
CA PRO A 210 -8.23 -5.61 -3.90
C PRO A 210 -9.14 -6.49 -4.74
N GLU A 211 -9.85 -5.91 -5.71
CA GLU A 211 -10.82 -6.72 -6.49
C GLU A 211 -10.18 -7.80 -7.33
N LYS A 212 -8.87 -7.76 -7.61
CA LYS A 212 -8.20 -8.78 -8.40
C LYS A 212 -7.63 -9.92 -7.58
N GLN A 213 -7.70 -9.90 -6.24
CA GLN A 213 -7.00 -10.91 -5.46
C GLN A 213 -7.74 -12.23 -5.39
N PRO A 214 -7.03 -13.29 -5.09
CA PRO A 214 -7.59 -14.63 -5.05
C PRO A 214 -8.76 -14.76 -4.10
N ASP A 215 -8.79 -14.03 -2.98
CA ASP A 215 -9.85 -14.13 -2.00
C ASP A 215 -10.89 -13.04 -2.19
N ALA A 216 -10.85 -12.24 -3.24
CA ALA A 216 -11.80 -11.18 -3.45
C ALA A 216 -13.17 -11.77 -3.87
N PRO A 217 -14.21 -11.01 -3.58
CA PRO A 217 -15.56 -11.39 -3.95
C PRO A 217 -15.64 -11.55 -5.46
N SER A 218 -16.40 -12.57 -5.77
CA SER A 218 -16.54 -13.09 -7.12
C SER A 218 -17.48 -12.35 -8.04
N SER A 219 -17.21 -12.62 -9.33
CA SER A 219 -18.01 -12.14 -10.45
C SER A 219 -18.93 -13.29 -10.87
N THR A 220 -18.52 -14.49 -10.46
CA THR A 220 -19.28 -15.70 -10.61
C THR A 220 -20.38 -15.81 -9.55
C1 BME B . 11.68 17.95 -3.52
C2 BME B . 10.15 18.12 -3.65
O1 BME B . 12.28 17.59 -4.77
S2 BME B . 9.44 16.42 -4.00
#